data_3UCA
#
_entry.id   3UCA
#
_cell.length_a   70.117
_cell.length_b   70.117
_cell.length_c   228.136
_cell.angle_alpha   90.00
_cell.angle_beta   90.00
_cell.angle_gamma   120.00
#
_symmetry.space_group_name_H-M   'P 31 2 1'
#
loop_
_entity.id
_entity.type
_entity.pdbx_description
1 polymer Geranyltranstransferase
2 water water
#
_entity_poly.entity_id   1
_entity_poly.type   'polypeptide(L)'
_entity_poly.pdbx_seq_one_letter_code
;MHHHHHHSSGVDLGTENLYFQSMMKKRKTLEDTAMNINSLKEEVDQSLKAYFNKDREYNKVLYDSMAYSINVGGKRIRPI
LMLLSYYIYKSDYKKILTPAMAIEMIHTYSLIHDDLPCMDNDDLRRGKPTNHKVFGEAIAVLAGDALLNEAMKILVDYSL
EEGKSALKATKIIADAAGSDGMIGGQIVDIINEDKEEISLKELDYMHLKKTGELIKASIMSGAVLAEASEGDIKKLEGFG
YKLGLAFQIKDDILDVVGNAKDLGKNVHKDQESNKNNYITIFGLEECKKKCVNITEECIEILSSIKGNTEPLKVLTMKLL
ERKF
;
_entity_poly.pdbx_strand_id   A,B
#
# COMPACT_ATOMS: atom_id res chain seq x y z
N ALA A 34 -29.34 -14.85 -15.07
CA ALA A 34 -29.14 -15.66 -13.83
C ALA A 34 -28.30 -14.91 -12.80
N MET A 35 -28.16 -13.59 -13.00
CA MET A 35 -27.35 -12.76 -12.11
C MET A 35 -28.01 -12.54 -10.76
N ASN A 36 -27.36 -13.05 -9.71
CA ASN A 36 -27.91 -13.01 -8.38
C ASN A 36 -26.88 -12.49 -7.36
N ILE A 37 -27.26 -11.49 -6.58
CA ILE A 37 -26.31 -10.87 -5.64
C ILE A 37 -25.78 -11.87 -4.59
N ASN A 38 -26.65 -12.69 -4.01
CA ASN A 38 -26.14 -13.66 -3.04
C ASN A 38 -25.17 -14.64 -3.69
N SER A 39 -25.51 -15.08 -4.89
CA SER A 39 -24.65 -15.96 -5.65
C SER A 39 -23.32 -15.28 -5.99
N LEU A 40 -23.38 -14.00 -6.36
CA LEU A 40 -22.18 -13.21 -6.64
C LEU A 40 -21.25 -13.08 -5.41
N LYS A 41 -21.85 -12.86 -4.24
CA LYS A 41 -21.09 -12.76 -3.00
C LYS A 41 -20.35 -14.07 -2.68
N GLU A 42 -21.00 -15.21 -2.95
CA GLU A 42 -20.35 -16.50 -2.73
C GLU A 42 -19.24 -16.72 -3.72
N GLU A 43 -19.41 -16.24 -4.94
CA GLU A 43 -18.34 -16.33 -5.93
C GLU A 43 -17.10 -15.50 -5.54
N VAL A 44 -17.33 -14.32 -4.97
CA VAL A 44 -16.23 -13.50 -4.45
C VAL A 44 -15.55 -14.21 -3.27
N ASP A 45 -16.34 -14.71 -2.31
CA ASP A 45 -15.81 -15.47 -1.18
C ASP A 45 -14.90 -16.59 -1.63
N GLN A 46 -15.32 -17.29 -2.67
CA GLN A 46 -14.56 -18.43 -3.16
C GLN A 46 -13.29 -18.02 -3.90
N SER A 47 -13.34 -16.95 -4.68
CA SER A 47 -12.15 -16.45 -5.34
C SER A 47 -11.13 -16.00 -4.31
N LEU A 48 -11.60 -15.36 -3.24
CA LEU A 48 -10.72 -14.82 -2.22
C LEU A 48 -10.07 -15.97 -1.43
N LYS A 49 -10.88 -16.96 -1.06
CA LYS A 49 -10.32 -18.14 -0.39
C LYS A 49 -9.28 -18.88 -1.26
N ALA A 50 -9.62 -19.11 -2.52
CA ALA A 50 -8.69 -19.78 -3.42
C ALA A 50 -7.40 -18.98 -3.48
N TYR A 51 -7.54 -17.65 -3.57
CA TYR A 51 -6.36 -16.79 -3.73
C TYR A 51 -5.37 -17.06 -2.59
N PHE A 52 -5.88 -17.09 -1.36
CA PHE A 52 -4.99 -17.19 -0.20
C PHE A 52 -4.58 -18.62 0.17
N ASN A 53 -5.19 -19.59 -0.50
CA ASN A 53 -4.78 -20.97 -0.32
C ASN A 53 -3.59 -21.35 -1.19
N LYS A 54 -2.46 -20.69 -1.02
CA LYS A 54 -1.29 -21.06 -1.78
C LYS A 54 -0.19 -21.65 -0.91
N ASP A 55 0.72 -22.38 -1.53
CA ASP A 55 1.80 -23.02 -0.77
C ASP A 55 2.91 -22.02 -0.39
N ARG A 56 3.24 -21.95 0.89
CA ARG A 56 4.28 -21.04 1.38
C ARG A 56 5.20 -21.70 2.42
N GLU A 57 6.50 -21.63 2.19
CA GLU A 57 7.42 -22.36 3.05
C GLU A 57 7.85 -21.63 4.33
N TYR A 58 8.06 -20.31 4.27
CA TYR A 58 8.57 -19.58 5.44
C TYR A 58 7.62 -18.52 6.05
N ASN A 59 6.88 -17.81 5.21
CA ASN A 59 6.06 -16.70 5.68
C ASN A 59 4.58 -17.12 5.75
N LYS A 60 4.37 -18.40 6.05
CA LYS A 60 3.03 -18.98 6.08
C LYS A 60 2.12 -18.25 7.09
N VAL A 61 2.68 -17.93 8.25
CA VAL A 61 1.94 -17.17 9.24
C VAL A 61 1.37 -15.86 8.69
N LEU A 62 2.10 -15.18 7.80
CA LEU A 62 1.59 -13.95 7.21
C LEU A 62 0.35 -14.28 6.42
N TYR A 63 0.46 -15.32 5.58
CA TYR A 63 -0.67 -15.70 4.74
C TYR A 63 -1.85 -16.18 5.56
N ASP A 64 -1.59 -16.89 6.66
CA ASP A 64 -2.68 -17.31 7.56
C ASP A 64 -3.36 -16.10 8.16
N SER A 65 -2.60 -15.08 8.53
CA SER A 65 -3.20 -13.90 9.15
C SER A 65 -4.03 -13.13 8.10
N MET A 66 -3.50 -12.96 6.90
CA MET A 66 -4.26 -12.30 5.85
C MET A 66 -5.53 -13.06 5.54
N ALA A 67 -5.40 -14.39 5.40
CA ALA A 67 -6.54 -15.22 5.00
C ALA A 67 -7.58 -15.21 6.08
N TYR A 68 -7.14 -15.15 7.32
CA TYR A 68 -8.10 -15.18 8.43
C TYR A 68 -9.11 -14.03 8.32
N SER A 69 -8.58 -12.82 8.17
CA SER A 69 -9.40 -11.62 8.05
C SER A 69 -10.18 -11.56 6.73
N ILE A 70 -9.58 -12.07 5.66
CA ILE A 70 -10.27 -12.13 4.40
C ILE A 70 -11.48 -13.07 4.45
N ASN A 71 -11.27 -14.24 5.06
CA ASN A 71 -12.26 -15.31 5.01
C ASN A 71 -13.28 -15.22 6.13
N VAL A 72 -12.93 -14.49 7.19
CA VAL A 72 -13.80 -14.37 8.35
C VAL A 72 -15.25 -14.22 7.92
N GLY A 73 -15.52 -13.19 7.14
CA GLY A 73 -16.88 -12.91 6.68
C GLY A 73 -16.95 -11.59 5.95
N GLY A 74 -18.16 -11.19 5.59
CA GLY A 74 -18.41 -9.88 5.04
C GLY A 74 -19.41 -9.91 3.90
N LYS A 75 -20.13 -8.80 3.76
CA LYS A 75 -21.12 -8.67 2.72
C LYS A 75 -20.47 -8.52 1.34
N ARG A 76 -19.16 -8.26 1.31
CA ARG A 76 -18.45 -8.05 0.03
C ARG A 76 -19.09 -6.93 -0.77
N ILE A 77 -19.56 -5.90 -0.10
CA ILE A 77 -20.23 -4.81 -0.80
C ILE A 77 -19.36 -4.20 -1.90
N ARG A 78 -18.09 -3.92 -1.61
CA ARG A 78 -17.27 -3.14 -2.56
C ARG A 78 -16.92 -3.90 -3.84
N PRO A 79 -16.44 -5.14 -3.73
CA PRO A 79 -16.20 -5.91 -4.94
C PRO A 79 -17.49 -6.15 -5.74
N ILE A 80 -18.63 -6.35 -5.06
CA ILE A 80 -19.89 -6.57 -5.78
C ILE A 80 -20.31 -5.29 -6.54
N LEU A 81 -20.15 -4.13 -5.91
CA LEU A 81 -20.40 -2.86 -6.62
C LEU A 81 -19.58 -2.74 -7.88
N MET A 82 -18.30 -3.09 -7.80
CA MET A 82 -17.46 -3.07 -8.98
C MET A 82 -17.97 -4.01 -10.09
N LEU A 83 -18.22 -5.26 -9.74
CA LEU A 83 -18.69 -6.23 -10.73
C LEU A 83 -20.02 -5.76 -11.38
N LEU A 84 -20.93 -5.24 -10.56
CA LEU A 84 -22.25 -4.86 -11.07
C LEU A 84 -22.25 -3.56 -11.86
N SER A 85 -21.25 -2.70 -11.65
CA SER A 85 -21.10 -1.50 -12.44
C SER A 85 -20.54 -1.84 -13.80
N TYR A 86 -19.56 -2.75 -13.80
CA TYR A 86 -19.06 -3.31 -15.04
C TYR A 86 -20.22 -4.02 -15.79
N TYR A 87 -20.98 -4.80 -15.04
CA TYR A 87 -22.13 -5.54 -15.56
C TYR A 87 -23.16 -4.67 -16.28
N ILE A 88 -23.26 -3.40 -15.94
CA ILE A 88 -24.17 -2.52 -16.66
C ILE A 88 -23.88 -2.61 -18.16
N TYR A 89 -22.60 -2.78 -18.51
CA TYR A 89 -22.15 -2.65 -19.90
C TYR A 89 -21.76 -3.98 -20.53
N LYS A 90 -21.08 -4.82 -19.78
CA LYS A 90 -20.57 -6.07 -20.34
C LYS A 90 -20.93 -7.19 -19.43
N SER A 91 -21.21 -8.36 -20.00
CA SER A 91 -21.70 -9.46 -19.19
CA SER A 91 -21.70 -9.48 -19.22
C SER A 91 -20.59 -10.37 -18.69
N ASP A 92 -19.37 -10.21 -19.21
CA ASP A 92 -18.26 -11.11 -18.78
C ASP A 92 -17.54 -10.61 -17.51
N TYR A 93 -18.31 -10.39 -16.45
CA TYR A 93 -17.80 -9.82 -15.20
C TYR A 93 -16.65 -10.62 -14.57
N LYS A 94 -16.61 -11.93 -14.83
CA LYS A 94 -15.58 -12.79 -14.25
C LYS A 94 -14.20 -12.30 -14.64
N LYS A 95 -14.13 -11.56 -15.73
CA LYS A 95 -12.88 -11.02 -16.23
C LYS A 95 -12.28 -9.97 -15.30
N ILE A 96 -13.09 -9.35 -14.46
CA ILE A 96 -12.56 -8.35 -13.53
C ILE A 96 -12.63 -8.76 -12.06
N LEU A 97 -12.74 -10.07 -11.81
CA LEU A 97 -12.68 -10.59 -10.46
C LEU A 97 -11.36 -10.25 -9.75
N THR A 98 -10.29 -10.09 -10.52
CA THR A 98 -9.00 -9.74 -9.94
C THR A 98 -9.03 -8.35 -9.32
N PRO A 99 -9.39 -7.33 -10.10
CA PRO A 99 -9.47 -6.00 -9.47
C PRO A 99 -10.55 -5.97 -8.37
N ALA A 100 -11.61 -6.76 -8.51
CA ALA A 100 -12.64 -6.82 -7.44
C ALA A 100 -12.03 -7.35 -6.14
N MET A 101 -11.23 -8.40 -6.26
CA MET A 101 -10.54 -8.94 -5.07
C MET A 101 -9.60 -7.89 -4.47
N ALA A 102 -8.87 -7.16 -5.32
CA ALA A 102 -7.96 -6.14 -4.81
C ALA A 102 -8.73 -5.18 -3.92
N ILE A 103 -9.91 -4.76 -4.36
CA ILE A 103 -10.57 -3.72 -3.57
C ILE A 103 -11.05 -4.28 -2.23
N GLU A 104 -11.45 -5.55 -2.21
CA GLU A 104 -11.85 -6.18 -0.95
C GLU A 104 -10.62 -6.41 -0.04
N MET A 105 -9.45 -6.70 -0.62
CA MET A 105 -8.22 -6.73 0.16
C MET A 105 -7.94 -5.38 0.83
N ILE A 106 -8.19 -4.29 0.11
CA ILE A 106 -7.96 -2.98 0.69
C ILE A 106 -8.96 -2.71 1.81
N HIS A 107 -10.21 -3.05 1.57
CA HIS A 107 -11.20 -2.89 2.61
C HIS A 107 -10.82 -3.72 3.83
N THR A 108 -10.36 -4.94 3.59
CA THR A 108 -9.98 -5.83 4.70
C THR A 108 -8.78 -5.29 5.50
N TYR A 109 -7.75 -4.85 4.80
CA TYR A 109 -6.61 -4.27 5.54
C TYR A 109 -7.02 -3.12 6.48
N SER A 110 -7.91 -2.24 6.02
CA SER A 110 -8.37 -1.13 6.84
C SER A 110 -9.08 -1.57 8.11
N LEU A 111 -9.81 -2.69 8.04
CA LEU A 111 -10.46 -3.22 9.22
C LEU A 111 -9.43 -3.74 10.21
N ILE A 112 -8.45 -4.46 9.70
CA ILE A 112 -7.38 -5.00 10.60
C ILE A 112 -6.70 -3.89 11.34
N HIS A 113 -6.30 -2.82 10.63
CA HIS A 113 -5.62 -1.72 11.32
C HIS A 113 -6.58 -0.93 12.21
N ASP A 114 -7.80 -0.69 11.73
CA ASP A 114 -8.77 0.08 12.52
C ASP A 114 -9.17 -0.66 13.81
N ASP A 115 -9.17 -1.98 13.79
CA ASP A 115 -9.47 -2.75 15.04
C ASP A 115 -8.42 -2.66 16.16
N LEU A 116 -7.20 -2.21 15.84
CA LEU A 116 -6.09 -2.29 16.79
C LEU A 116 -6.35 -1.53 18.10
N PRO A 117 -5.68 -1.95 19.19
CA PRO A 117 -5.80 -1.30 20.48
C PRO A 117 -5.61 0.23 20.41
N CYS A 118 -4.70 0.70 19.56
CA CYS A 118 -4.45 2.16 19.50
C CYS A 118 -5.54 2.89 18.71
N MET A 119 -6.44 2.18 18.04
CA MET A 119 -7.53 2.85 17.35
C MET A 119 -8.89 2.43 17.88
N ASP A 120 -9.64 1.60 17.16
CA ASP A 120 -10.96 1.18 17.65
C ASP A 120 -10.89 0.20 18.82
N ASN A 121 -9.80 -0.58 18.90
CA ASN A 121 -9.62 -1.54 19.99
C ASN A 121 -10.79 -2.51 20.03
N ASP A 122 -11.05 -3.20 18.93
CA ASP A 122 -12.14 -4.17 18.87
C ASP A 122 -11.63 -5.61 19.02
N ASP A 123 -12.24 -6.35 19.96
CA ASP A 123 -11.89 -7.75 20.22
C ASP A 123 -12.65 -8.69 19.29
N LEU A 124 -13.85 -8.29 18.92
CA LEU A 124 -14.72 -9.09 18.07
C LEU A 124 -15.24 -8.34 16.85
N ARG A 125 -15.45 -9.07 15.77
CA ARG A 125 -16.04 -8.55 14.56
C ARG A 125 -16.94 -9.66 14.08
N ARG A 126 -18.24 -9.41 14.08
CA ARG A 126 -19.23 -10.39 13.68
C ARG A 126 -19.07 -11.65 14.52
N GLY A 127 -18.99 -11.46 15.84
CA GLY A 127 -18.87 -12.56 16.78
C GLY A 127 -17.56 -13.33 16.70
N LYS A 128 -16.66 -12.95 15.81
CA LYS A 128 -15.35 -13.62 15.72
C LYS A 128 -14.20 -12.75 16.22
N PRO A 129 -13.20 -13.36 16.88
CA PRO A 129 -12.05 -12.57 17.32
C PRO A 129 -11.41 -11.83 16.15
N THR A 130 -10.99 -10.60 16.42
CA THR A 130 -10.25 -9.79 15.44
C THR A 130 -8.82 -10.30 15.27
N ASN A 131 -8.17 -9.84 14.20
CA ASN A 131 -6.85 -10.33 13.81
C ASN A 131 -5.80 -10.24 14.92
N HIS A 132 -5.70 -9.08 15.58
CA HIS A 132 -4.63 -8.93 16.58
C HIS A 132 -4.87 -9.81 17.80
N LYS A 133 -6.13 -10.16 18.06
CA LYS A 133 -6.43 -11.01 19.22
C LYS A 133 -5.90 -12.40 18.91
N VAL A 134 -6.04 -12.83 17.67
CA VAL A 134 -5.57 -14.15 17.30
C VAL A 134 -4.06 -14.26 17.07
N PHE A 135 -3.50 -13.33 16.31
CA PHE A 135 -2.09 -13.38 15.91
C PHE A 135 -1.19 -12.42 16.69
N GLY A 136 -1.78 -11.57 17.52
CA GLY A 136 -1.01 -10.52 18.22
C GLY A 136 -0.87 -9.28 17.34
N GLU A 137 -0.55 -8.14 17.96
CA GLU A 137 -0.55 -6.86 17.27
C GLU A 137 0.45 -6.72 16.14
N ALA A 138 1.67 -7.25 16.32
CA ALA A 138 2.75 -7.06 15.33
C ALA A 138 2.36 -7.72 14.02
N ILE A 139 1.94 -8.97 14.11
CA ILE A 139 1.55 -9.70 12.94
C ILE A 139 0.33 -9.04 12.24
N ALA A 140 -0.64 -8.59 13.04
CA ALA A 140 -1.81 -7.86 12.51
C ALA A 140 -1.43 -6.59 11.73
N VAL A 141 -0.56 -5.76 12.32
CA VAL A 141 -0.01 -4.62 11.59
C VAL A 141 0.55 -5.08 10.24
N LEU A 142 1.37 -6.13 10.27
CA LEU A 142 2.06 -6.60 9.08
C LEU A 142 1.12 -7.25 8.06
N ALA A 143 0.11 -7.97 8.52
CA ALA A 143 -0.88 -8.52 7.61
C ALA A 143 -1.70 -7.43 6.93
N GLY A 144 -2.07 -6.40 7.67
CA GLY A 144 -2.73 -5.23 7.06
C GLY A 144 -1.84 -4.62 5.99
N ASP A 145 -0.56 -4.40 6.32
CA ASP A 145 0.38 -3.79 5.37
C ASP A 145 0.45 -4.68 4.12
N ALA A 146 0.51 -5.99 4.35
CA ALA A 146 0.66 -6.96 3.25
C ALA A 146 -0.60 -7.05 2.37
N LEU A 147 -1.78 -6.94 2.97
CA LEU A 147 -3.00 -6.86 2.16
C LEU A 147 -3.06 -5.59 1.30
N LEU A 148 -2.69 -4.44 1.86
CA LEU A 148 -2.65 -3.25 1.02
C LEU A 148 -1.69 -3.47 -0.15
N ASN A 149 -0.50 -3.97 0.19
CA ASN A 149 0.53 -4.24 -0.81
C ASN A 149 0.06 -5.30 -1.80
N GLU A 150 -0.69 -6.29 -1.33
CA GLU A 150 -1.17 -7.33 -2.23
C GLU A 150 -2.16 -6.76 -3.25
N ALA A 151 -3.06 -5.89 -2.79
CA ALA A 151 -4.00 -5.27 -3.71
C ALA A 151 -3.24 -4.54 -4.79
N MET A 152 -2.17 -3.84 -4.39
CA MET A 152 -1.42 -3.07 -5.40
C MET A 152 -0.69 -4.01 -6.37
N LYS A 153 -0.08 -5.08 -5.88
CA LYS A 153 0.60 -6.02 -6.79
C LYS A 153 -0.37 -6.59 -7.83
N ILE A 154 -1.56 -6.99 -7.40
CA ILE A 154 -2.45 -7.61 -8.38
C ILE A 154 -3.05 -6.60 -9.34
N LEU A 155 -3.30 -5.37 -8.88
CA LEU A 155 -3.78 -4.33 -9.80
C LEU A 155 -2.73 -3.99 -10.84
N VAL A 156 -1.45 -3.99 -10.41
CA VAL A 156 -0.34 -3.72 -11.31
C VAL A 156 -0.19 -4.84 -12.34
N ASP A 157 -0.17 -6.09 -11.89
CA ASP A 157 -0.12 -7.25 -12.79
C ASP A 157 -1.32 -7.29 -13.76
N TYR A 158 -2.51 -7.01 -13.23
CA TYR A 158 -3.69 -6.93 -14.06
C TYR A 158 -3.52 -5.85 -15.13
N SER A 159 -2.96 -4.71 -14.75
CA SER A 159 -2.75 -3.62 -15.69
C SER A 159 -1.67 -3.93 -16.73
N LEU A 160 -0.64 -4.68 -16.35
CA LEU A 160 0.33 -5.14 -17.32
C LEU A 160 -0.36 -6.04 -18.35
N GLU A 161 -1.30 -6.86 -17.91
CA GLU A 161 -2.03 -7.73 -18.83
C GLU A 161 -3.07 -7.00 -19.70
N GLU A 162 -3.82 -6.10 -19.09
CA GLU A 162 -5.04 -5.57 -19.72
C GLU A 162 -4.91 -4.18 -20.35
N GLY A 163 -3.90 -3.42 -19.96
CA GLY A 163 -3.66 -2.14 -20.60
C GLY A 163 -4.16 -0.88 -19.88
N LYS A 164 -4.43 0.15 -20.68
CA LYS A 164 -4.57 1.51 -20.19
C LYS A 164 -5.81 1.72 -19.32
N SER A 165 -6.93 1.10 -19.68
CA SER A 165 -8.14 1.36 -18.91
C SER A 165 -8.00 0.75 -17.51
N ALA A 166 -7.35 -0.42 -17.42
CA ALA A 166 -7.07 -1.04 -16.13
C ALA A 166 -6.13 -0.18 -15.26
N LEU A 167 -5.18 0.51 -15.89
CA LEU A 167 -4.24 1.32 -15.10
C LEU A 167 -4.98 2.53 -14.61
N LYS A 168 -5.85 3.06 -15.45
CA LYS A 168 -6.73 4.12 -15.01
C LYS A 168 -7.62 3.70 -13.84
N ALA A 169 -8.14 2.48 -13.89
CA ALA A 169 -8.98 2.01 -12.80
C ALA A 169 -8.12 1.85 -11.54
N THR A 170 -6.87 1.42 -11.73
CA THR A 170 -5.94 1.22 -10.62
C THR A 170 -5.70 2.55 -9.91
N LYS A 171 -5.52 3.62 -10.67
CA LYS A 171 -5.36 4.95 -10.08
C LYS A 171 -6.59 5.38 -9.25
N ILE A 172 -7.78 5.07 -9.76
CA ILE A 172 -8.99 5.44 -9.05
C ILE A 172 -9.00 4.77 -7.67
N ILE A 173 -8.63 3.51 -7.66
CA ILE A 173 -8.61 2.71 -6.44
C ILE A 173 -7.49 3.15 -5.49
N ALA A 174 -6.28 3.30 -6.03
CA ALA A 174 -5.13 3.71 -5.22
C ALA A 174 -5.38 5.07 -4.58
N ASP A 175 -5.92 6.01 -5.35
CA ASP A 175 -6.23 7.34 -4.82
C ASP A 175 -7.28 7.31 -3.73
N ALA A 176 -8.37 6.59 -3.97
CA ALA A 176 -9.46 6.52 -3.00
C ALA A 176 -9.03 5.84 -1.69
N ALA A 177 -8.03 4.97 -1.75
CA ALA A 177 -7.57 4.26 -0.54
C ALA A 177 -6.61 5.11 0.28
N GLY A 178 -5.97 6.09 -0.36
CA GLY A 178 -4.78 6.71 0.24
C GLY A 178 -5.02 7.92 1.12
N SER A 179 -3.97 8.74 1.19
CA SER A 179 -3.92 9.88 2.12
C SER A 179 -5.08 10.84 1.95
N ASP A 180 -5.55 11.03 0.72
CA ASP A 180 -6.64 11.99 0.52
C ASP A 180 -7.94 11.26 0.33
N GLY A 181 -7.94 9.97 0.66
CA GLY A 181 -9.18 9.23 0.71
C GLY A 181 -9.35 8.51 2.03
N MET A 182 -9.40 7.19 1.98
CA MET A 182 -9.76 6.38 3.16
C MET A 182 -8.88 6.74 4.34
N ILE A 183 -7.56 6.73 4.15
CA ILE A 183 -6.68 7.03 5.31
C ILE A 183 -6.94 8.43 5.85
N GLY A 184 -7.17 9.40 4.96
CA GLY A 184 -7.40 10.78 5.39
C GLY A 184 -8.63 10.82 6.24
N GLY A 185 -9.64 10.05 5.85
CA GLY A 185 -10.84 9.90 6.65
C GLY A 185 -10.57 9.37 8.04
N GLN A 186 -9.83 8.27 8.12
CA GLN A 186 -9.55 7.62 9.40
CA GLN A 186 -9.55 7.64 9.42
C GLN A 186 -8.81 8.60 10.34
N ILE A 187 -7.87 9.35 9.78
CA ILE A 187 -7.10 10.30 10.55
C ILE A 187 -8.01 11.31 11.26
N VAL A 188 -8.89 11.93 10.50
CA VAL A 188 -9.84 12.90 11.05
C VAL A 188 -10.69 12.28 12.15
N ASP A 189 -11.13 11.05 11.92
CA ASP A 189 -11.87 10.35 12.93
C ASP A 189 -11.03 10.23 14.22
N ILE A 190 -9.78 9.77 14.07
CA ILE A 190 -8.83 9.69 15.20
C ILE A 190 -8.62 11.04 15.91
N ILE A 191 -8.30 12.07 15.15
CA ILE A 191 -8.04 13.41 15.68
C ILE A 191 -9.22 14.02 16.43
N ASN A 192 -10.42 13.57 16.13
CA ASN A 192 -11.60 14.14 16.73
C ASN A 192 -12.15 13.37 17.88
N GLU A 193 -11.49 12.33 18.29
CA GLU A 193 -12.06 11.56 19.34
C GLU A 193 -12.22 12.56 20.44
N ASP A 194 -11.25 13.47 20.55
CA ASP A 194 -11.30 14.51 21.56
C ASP A 194 -12.47 15.48 21.43
N LYS A 195 -12.80 15.92 20.23
CA LYS A 195 -13.82 16.94 20.18
C LYS A 195 -15.12 16.43 20.74
N GLU A 196 -15.65 17.19 21.68
CA GLU A 196 -16.99 17.03 22.21
C GLU A 196 -17.90 17.48 21.10
N GLU A 197 -17.44 18.49 20.38
CA GLU A 197 -18.16 19.07 19.26
C GLU A 197 -17.38 19.04 17.95
N ILE A 198 -18.06 18.56 16.93
CA ILE A 198 -17.52 18.48 15.57
C ILE A 198 -18.38 19.22 14.58
N SER A 199 -17.76 20.00 13.72
CA SER A 199 -18.50 20.72 12.69
C SER A 199 -19.08 19.80 11.61
N LEU A 200 -20.21 20.21 11.04
CA LEU A 200 -20.80 19.49 9.91
C LEU A 200 -19.81 19.34 8.77
N LYS A 201 -19.07 20.40 8.47
CA LYS A 201 -18.06 20.38 7.41
C LYS A 201 -17.05 19.26 7.65
N GLU A 202 -16.44 19.26 8.83
CA GLU A 202 -15.44 18.25 9.17
C GLU A 202 -16.04 16.85 9.20
N LEU A 203 -17.26 16.74 9.72
CA LEU A 203 -17.94 15.44 9.78
C LEU A 203 -18.19 14.88 8.39
N ASP A 204 -18.71 15.71 7.49
CA ASP A 204 -18.99 15.26 6.12
C ASP A 204 -17.69 14.82 5.46
N TYR A 205 -16.65 15.63 5.65
CA TYR A 205 -15.34 15.31 5.10
C TYR A 205 -14.93 13.96 5.67
N MET A 206 -15.05 13.80 6.97
CA MET A 206 -14.56 12.59 7.58
C MET A 206 -15.23 11.36 6.94
N HIS A 207 -16.56 11.43 6.82
CA HIS A 207 -17.35 10.32 6.26
C HIS A 207 -17.16 10.15 4.76
N LEU A 208 -17.01 11.25 4.05
CA LEU A 208 -16.77 11.18 2.63
C LEU A 208 -15.45 10.45 2.37
N LYS A 209 -14.41 10.80 3.15
CA LYS A 209 -13.10 10.19 2.98
C LYS A 209 -13.07 8.76 3.52
N LYS A 210 -13.58 8.57 4.71
CA LYS A 210 -13.41 7.32 5.39
C LYS A 210 -14.13 6.17 4.71
N THR A 211 -15.37 6.39 4.31
CA THR A 211 -16.12 5.35 3.58
C THR A 211 -16.62 5.75 2.18
N GLY A 212 -16.92 7.02 1.98
CA GLY A 212 -17.44 7.49 0.69
C GLY A 212 -16.52 7.18 -0.48
N GLU A 213 -15.24 7.47 -0.33
CA GLU A 213 -14.32 7.37 -1.46
C GLU A 213 -14.19 5.94 -1.99
N LEU A 214 -14.11 4.93 -1.12
CA LEU A 214 -13.92 3.55 -1.60
C LEU A 214 -15.19 2.89 -2.19
N ILE A 215 -16.35 3.29 -1.66
CA ILE A 215 -17.64 2.91 -2.24
C ILE A 215 -17.73 3.48 -3.64
N LYS A 216 -17.47 4.78 -3.76
CA LYS A 216 -17.54 5.43 -5.07
C LYS A 216 -16.48 4.87 -6.02
N ALA A 217 -15.30 4.57 -5.49
CA ALA A 217 -14.22 4.07 -6.34
C ALA A 217 -14.54 2.67 -6.88
N SER A 218 -15.25 1.87 -6.10
CA SER A 218 -15.66 0.53 -6.53
C SER A 218 -16.55 0.66 -7.79
N ILE A 219 -17.51 1.57 -7.74
CA ILE A 219 -18.40 1.80 -8.86
C ILE A 219 -17.62 2.38 -10.04
N MET A 220 -16.83 3.44 -9.81
CA MET A 220 -16.15 4.10 -10.94
C MET A 220 -15.13 3.20 -11.62
N SER A 221 -14.43 2.35 -10.86
CA SER A 221 -13.38 1.54 -11.45
C SER A 221 -14.04 0.47 -12.32
N GLY A 222 -15.17 -0.06 -11.87
CA GLY A 222 -15.93 -1.02 -12.66
C GLY A 222 -16.36 -0.42 -13.99
N ALA A 223 -16.89 0.80 -13.96
CA ALA A 223 -17.34 1.48 -15.19
C ALA A 223 -16.15 1.83 -16.09
N VAL A 224 -15.05 2.29 -15.51
CA VAL A 224 -13.87 2.59 -16.30
C VAL A 224 -13.34 1.31 -16.93
N LEU A 225 -13.33 0.22 -16.18
CA LEU A 225 -12.92 -1.04 -16.77
C LEU A 225 -13.84 -1.47 -17.91
N ALA A 226 -15.11 -1.09 -17.85
CA ALA A 226 -16.04 -1.48 -18.91
C ALA A 226 -16.01 -0.44 -20.04
N GLU A 227 -15.23 0.62 -19.85
CA GLU A 227 -15.12 1.70 -20.82
C GLU A 227 -16.44 2.41 -21.09
N ALA A 228 -17.17 2.74 -20.02
CA ALA A 228 -18.37 3.54 -20.11
C ALA A 228 -18.02 4.91 -20.71
N SER A 229 -19.01 5.57 -21.30
CA SER A 229 -18.83 6.91 -21.87
C SER A 229 -18.78 7.99 -20.79
N GLU A 230 -18.23 9.14 -21.16
CA GLU A 230 -18.17 10.33 -20.29
C GLU A 230 -19.53 10.70 -19.69
N GLY A 231 -20.61 10.58 -20.47
CA GLY A 231 -21.93 10.93 -19.93
C GLY A 231 -22.30 9.98 -18.79
N ASP A 232 -22.05 8.70 -19.02
CA ASP A 232 -22.31 7.64 -18.04
C ASP A 232 -21.41 7.79 -16.80
N ILE A 233 -20.14 8.05 -17.03
CA ILE A 233 -19.20 8.29 -15.95
C ILE A 233 -19.69 9.37 -14.99
N LYS A 234 -20.15 10.51 -15.52
CA LYS A 234 -20.68 11.56 -14.63
C LYS A 234 -21.96 11.12 -13.92
N LYS A 235 -22.83 10.37 -14.60
CA LYS A 235 -23.96 9.83 -13.90
C LYS A 235 -23.46 8.91 -12.77
N LEU A 236 -22.51 8.04 -13.06
CA LEU A 236 -22.08 7.07 -12.04
C LEU A 236 -21.34 7.72 -10.88
N GLU A 237 -20.68 8.84 -11.14
CA GLU A 237 -20.02 9.61 -10.08
C GLU A 237 -21.03 10.11 -9.05
N GLY A 238 -22.15 10.63 -9.54
CA GLY A 238 -23.19 11.15 -8.66
C GLY A 238 -23.84 10.00 -7.89
N PHE A 239 -24.02 8.87 -8.58
CA PHE A 239 -24.63 7.68 -7.98
C PHE A 239 -23.72 7.14 -6.90
N GLY A 240 -22.43 7.10 -7.19
CA GLY A 240 -21.47 6.63 -6.18
C GLY A 240 -21.40 7.55 -4.98
N TYR A 241 -21.38 8.85 -5.23
CA TYR A 241 -21.37 9.82 -4.14
C TYR A 241 -22.61 9.62 -3.24
N LYS A 242 -23.78 9.59 -3.86
CA LYS A 242 -25.02 9.47 -3.10
C LYS A 242 -25.11 8.13 -2.37
N LEU A 243 -24.72 7.03 -3.03
CA LEU A 243 -24.82 5.72 -2.37
C LEU A 243 -23.97 5.73 -1.11
N GLY A 244 -22.79 6.35 -1.22
CA GLY A 244 -21.87 6.40 -0.10
C GLY A 244 -22.46 7.25 1.01
N LEU A 245 -23.19 8.30 0.64
CA LEU A 245 -23.86 9.16 1.63
C LEU A 245 -24.91 8.38 2.39
N ALA A 246 -25.79 7.68 1.68
CA ALA A 246 -26.82 6.89 2.31
C ALA A 246 -26.18 5.85 3.23
N PHE A 247 -25.07 5.28 2.78
CA PHE A 247 -24.34 4.24 3.52
C PHE A 247 -23.80 4.75 4.88
N GLN A 248 -23.20 5.94 4.89
CA GLN A 248 -22.68 6.49 6.14
C GLN A 248 -23.79 6.86 7.13
N ILE A 249 -24.89 7.43 6.62
CA ILE A 249 -26.03 7.72 7.48
C ILE A 249 -26.66 6.43 8.05
N LYS A 250 -26.72 5.40 7.22
CA LYS A 250 -27.27 4.13 7.63
C LYS A 250 -26.41 3.52 8.74
N ASP A 251 -25.09 3.62 8.61
CA ASP A 251 -24.21 3.18 9.68
C ASP A 251 -24.55 3.86 11.00
N ASP A 252 -24.80 5.17 10.96
CA ASP A 252 -25.14 5.89 12.18
C ASP A 252 -26.46 5.37 12.79
N ILE A 253 -27.44 5.11 11.94
CA ILE A 253 -28.70 4.56 12.41
C ILE A 253 -28.53 3.19 13.04
N LEU A 254 -27.68 2.36 12.43
CA LEU A 254 -27.41 1.02 12.93
C LEU A 254 -26.69 1.04 14.28
N ASP A 255 -25.87 2.05 14.52
CA ASP A 255 -25.26 2.21 15.81
C ASP A 255 -26.20 2.64 16.92
N VAL A 256 -27.02 3.63 16.63
CA VAL A 256 -27.85 4.22 17.65
C VAL A 256 -28.97 3.39 18.20
N VAL A 257 -29.77 2.91 17.30
CA VAL A 257 -30.95 2.12 17.65
C VAL A 257 -30.53 0.86 18.37
N GLY A 258 -29.45 0.28 17.87
CA GLY A 258 -28.91 -1.00 18.30
C GLY A 258 -27.64 -0.86 19.12
N ASN A 276 -20.59 14.31 17.11
CA ASN A 276 -19.92 13.44 16.15
C ASN A 276 -20.86 12.34 15.64
N ASN A 277 -22.10 12.71 15.35
CA ASN A 277 -23.11 11.72 14.94
C ASN A 277 -24.25 12.33 14.13
N TYR A 278 -24.49 11.77 12.95
CA TYR A 278 -25.61 12.24 12.14
C TYR A 278 -26.90 12.22 12.95
N ILE A 279 -27.04 11.24 13.82
CA ILE A 279 -28.20 11.19 14.66
C ILE A 279 -28.31 12.31 15.66
N THR A 280 -27.20 12.65 16.29
CA THR A 280 -27.13 13.77 17.22
C THR A 280 -27.45 15.09 16.50
N ILE A 281 -26.94 15.23 15.28
CA ILE A 281 -27.13 16.46 14.52
C ILE A 281 -28.53 16.60 13.90
N PHE A 282 -29.04 15.53 13.29
CA PHE A 282 -30.32 15.60 12.58
C PHE A 282 -31.49 14.91 13.30
N GLY A 283 -31.18 13.96 14.17
CA GLY A 283 -32.22 13.15 14.81
C GLY A 283 -32.61 11.92 13.99
N LEU A 284 -32.99 10.85 14.68
CA LEU A 284 -33.22 9.56 14.04
C LEU A 284 -34.24 9.59 12.91
N GLU A 285 -35.31 10.36 13.08
CA GLU A 285 -36.38 10.40 12.10
C GLU A 285 -35.91 11.00 10.79
N GLU A 286 -35.19 12.12 10.89
CA GLU A 286 -34.63 12.77 9.71
C GLU A 286 -33.60 11.88 9.02
N CYS A 287 -32.84 11.14 9.82
CA CYS A 287 -31.80 10.24 9.32
C CYS A 287 -32.41 9.08 8.57
N LYS A 288 -33.41 8.44 9.17
CA LYS A 288 -34.14 7.38 8.50
C LYS A 288 -34.68 7.89 7.17
N LYS A 289 -35.11 9.15 7.17
CA LYS A 289 -35.74 9.77 6.01
C LYS A 289 -34.76 10.17 4.90
N LYS A 290 -33.60 10.71 5.29
CA LYS A 290 -32.57 11.08 4.33
C LYS A 290 -32.08 9.86 3.55
N CYS A 291 -31.93 8.74 4.26
CA CYS A 291 -31.47 7.49 3.69
C CYS A 291 -32.44 6.97 2.62
N VAL A 292 -33.73 6.94 2.95
CA VAL A 292 -34.74 6.50 2.01
C VAL A 292 -34.74 7.40 0.79
N ASN A 293 -34.55 8.70 1.01
CA ASN A 293 -34.71 9.66 -0.08
C ASN A 293 -33.49 9.71 -0.99
N ILE A 294 -32.31 9.57 -0.39
CA ILE A 294 -31.09 9.50 -1.19
C ILE A 294 -31.07 8.18 -1.99
N THR A 295 -31.48 7.09 -1.37
CA THR A 295 -31.54 5.80 -2.07
C THR A 295 -32.44 5.92 -3.30
N GLU A 296 -33.52 6.68 -3.14
CA GLU A 296 -34.46 7.02 -4.20
C GLU A 296 -33.79 7.70 -5.36
N GLU A 297 -33.03 8.76 -5.07
CA GLU A 297 -32.27 9.43 -6.11
C GLU A 297 -31.28 8.48 -6.76
N CYS A 298 -30.69 7.57 -5.96
CA CYS A 298 -29.75 6.62 -6.54
C CYS A 298 -30.47 5.78 -7.58
N ILE A 299 -31.66 5.31 -7.23
CA ILE A 299 -32.40 4.51 -8.18
C ILE A 299 -32.70 5.25 -9.48
N GLU A 300 -33.07 6.52 -9.36
CA GLU A 300 -33.39 7.32 -10.53
C GLU A 300 -32.18 7.57 -11.39
N ILE A 301 -31.01 7.79 -10.79
CA ILE A 301 -29.80 7.91 -11.61
C ILE A 301 -29.55 6.62 -12.38
N LEU A 302 -29.69 5.47 -11.73
CA LEU A 302 -29.46 4.24 -12.46
C LEU A 302 -30.47 4.11 -13.60
N SER A 303 -31.72 4.52 -13.34
CA SER A 303 -32.76 4.44 -14.37
C SER A 303 -32.38 5.30 -15.58
N SER A 304 -31.62 6.38 -15.36
CA SER A 304 -31.21 7.27 -16.46
C SER A 304 -30.07 6.70 -17.31
N ILE A 305 -29.55 5.55 -16.89
CA ILE A 305 -28.43 4.95 -17.58
C ILE A 305 -28.90 3.83 -18.48
N LYS A 306 -28.48 3.85 -19.73
CA LYS A 306 -28.78 2.79 -20.68
C LYS A 306 -27.87 1.55 -20.50
N GLY A 307 -28.44 0.42 -20.08
CA GLY A 307 -27.68 -0.83 -19.96
C GLY A 307 -28.30 -1.63 -18.83
N ASN A 308 -27.66 -2.71 -18.36
CA ASN A 308 -28.33 -3.54 -17.34
CA ASN A 308 -28.27 -3.59 -17.37
C ASN A 308 -28.07 -3.14 -15.90
N THR A 309 -28.87 -2.18 -15.46
CA THR A 309 -28.74 -1.61 -14.15
C THR A 309 -29.58 -2.33 -13.07
N GLU A 310 -30.36 -3.33 -13.46
CA GLU A 310 -31.26 -3.96 -12.47
C GLU A 310 -30.48 -4.56 -11.28
N PRO A 311 -29.40 -5.30 -11.53
CA PRO A 311 -28.71 -5.88 -10.38
C PRO A 311 -28.22 -4.82 -9.44
N LEU A 312 -27.73 -3.71 -9.99
CA LEU A 312 -27.21 -2.61 -9.17
C LEU A 312 -28.32 -1.95 -8.39
N LYS A 313 -29.51 -1.85 -9.00
CA LYS A 313 -30.67 -1.33 -8.30
C LYS A 313 -31.03 -2.27 -7.15
N VAL A 314 -30.99 -3.56 -7.40
CA VAL A 314 -31.28 -4.49 -6.29
C VAL A 314 -30.33 -4.26 -5.09
N LEU A 315 -29.03 -4.26 -5.37
CA LEU A 315 -28.01 -4.01 -4.33
C LEU A 315 -28.29 -2.71 -3.62
N THR A 316 -28.60 -1.68 -4.38
CA THR A 316 -28.88 -0.39 -3.80
C THR A 316 -30.00 -0.43 -2.77
N MET A 317 -31.11 -1.10 -3.09
CA MET A 317 -32.21 -1.25 -2.12
C MET A 317 -31.76 -2.16 -0.95
N LYS A 318 -30.98 -3.19 -1.24
CA LYS A 318 -30.51 -4.06 -0.17
C LYS A 318 -29.64 -3.29 0.83
N LEU A 319 -28.87 -2.33 0.33
CA LEU A 319 -27.99 -1.53 1.20
C LEU A 319 -28.80 -0.65 2.14
N LEU A 320 -29.94 -0.18 1.66
CA LEU A 320 -30.85 0.59 2.50
C LEU A 320 -31.45 -0.24 3.66
N GLU A 321 -31.62 -1.56 3.46
CA GLU A 321 -32.28 -2.41 4.48
C GLU A 321 -31.34 -3.31 5.29
N ARG A 322 -30.05 -3.24 5.03
CA ARG A 322 -29.10 -4.10 5.72
C ARG A 322 -29.28 -3.94 7.24
N LYS A 323 -28.94 -4.97 8.01
CA LYS A 323 -29.10 -4.89 9.47
C LYS A 323 -27.77 -4.75 10.21
N PHE A 324 -26.69 -4.57 9.46
CA PHE A 324 -25.37 -4.38 10.05
C PHE A 324 -24.38 -4.00 8.95
N ALA B 34 31.61 14.77 -12.99
CA ALA B 34 30.21 15.13 -13.34
C ALA B 34 29.23 14.71 -12.23
N MET B 35 29.32 13.43 -11.82
CA MET B 35 28.47 12.92 -10.74
C MET B 35 29.04 13.20 -9.36
N ASN B 36 28.16 13.15 -8.37
CA ASN B 36 28.62 13.15 -7.00
C ASN B 36 27.54 12.54 -6.10
N ILE B 37 27.91 11.50 -5.38
CA ILE B 37 26.93 10.80 -4.57
C ILE B 37 26.34 11.70 -3.50
N ASN B 38 27.19 12.50 -2.87
CA ASN B 38 26.68 13.42 -1.86
C ASN B 38 25.71 14.47 -2.40
N SER B 39 25.92 15.00 -3.61
CA SER B 39 25.01 15.98 -4.21
CA SER B 39 25.00 15.99 -4.17
C SER B 39 23.70 15.32 -4.63
N LEU B 40 23.81 14.07 -5.06
CA LEU B 40 22.62 13.29 -5.41
C LEU B 40 21.75 13.06 -4.17
N LYS B 41 22.36 12.69 -3.05
CA LYS B 41 21.63 12.58 -1.80
C LYS B 41 20.85 13.85 -1.43
N GLU B 42 21.48 15.01 -1.63
CA GLU B 42 20.85 16.28 -1.29
C GLU B 42 19.72 16.57 -2.24
N GLU B 43 19.87 16.09 -3.45
CA GLU B 43 18.86 16.24 -4.47
C GLU B 43 17.62 15.41 -4.13
N VAL B 44 17.82 14.14 -3.77
CA VAL B 44 16.73 13.33 -3.26
C VAL B 44 16.08 14.01 -2.05
N ASP B 45 16.90 14.43 -1.10
CA ASP B 45 16.42 15.16 0.07
C ASP B 45 15.50 16.35 -0.28
N GLN B 46 15.90 17.14 -1.27
CA GLN B 46 15.10 18.32 -1.64
C GLN B 46 13.81 17.94 -2.37
N SER B 47 13.90 16.95 -3.25
CA SER B 47 12.72 16.46 -3.96
C SER B 47 11.65 15.99 -2.98
N LEU B 48 12.06 15.24 -1.98
CA LEU B 48 11.16 14.71 -0.95
C LEU B 48 10.62 15.83 -0.05
N LYS B 49 11.47 16.77 0.30
CA LYS B 49 11.06 17.90 1.11
C LYS B 49 9.98 18.69 0.38
N ALA B 50 10.19 18.95 -0.90
CA ALA B 50 9.17 19.65 -1.70
C ALA B 50 7.90 18.81 -1.88
N TYR B 51 8.06 17.51 -2.04
CA TYR B 51 6.89 16.66 -2.28
C TYR B 51 5.90 16.85 -1.14
N PHE B 52 6.42 16.90 0.08
CA PHE B 52 5.53 16.92 1.23
C PHE B 52 5.15 18.33 1.67
N ASN B 53 5.62 19.32 0.93
CA ASN B 53 5.24 20.69 1.22
C ASN B 53 4.02 21.13 0.38
N LYS B 54 2.83 20.97 0.96
CA LYS B 54 1.57 21.17 0.24
C LYS B 54 0.42 21.39 1.25
N ASP B 55 -0.52 22.26 0.90
CA ASP B 55 -1.61 22.62 1.80
C ASP B 55 -2.69 21.55 1.90
N ARG B 56 -3.26 21.36 3.09
CA ARG B 56 -4.38 20.43 3.28
C ARG B 56 -5.37 21.00 4.30
N GLU B 57 -6.66 20.71 4.13
CA GLU B 57 -7.63 21.36 5.01
C GLU B 57 -7.96 20.58 6.28
N TYR B 58 -8.05 19.26 6.21
CA TYR B 58 -8.44 18.48 7.40
C TYR B 58 -7.46 17.37 7.79
N ASN B 59 -6.73 16.85 6.83
CA ASN B 59 -5.80 15.74 7.11
C ASN B 59 -4.34 16.22 7.08
N LYS B 60 -4.13 17.48 7.41
CA LYS B 60 -2.77 18.02 7.42
CA LYS B 60 -2.78 18.06 7.46
C LYS B 60 -1.84 17.26 8.37
N VAL B 61 -2.35 16.79 9.51
CA VAL B 61 -1.52 16.05 10.48
C VAL B 61 -0.93 14.77 9.87
N LEU B 62 -1.71 14.11 9.00
CA LEU B 62 -1.21 12.93 8.30
C LEU B 62 0.04 13.32 7.51
N TYR B 63 -0.07 14.39 6.73
CA TYR B 63 1.05 14.90 5.96
C TYR B 63 2.25 15.32 6.83
N ASP B 64 1.99 15.95 7.98
CA ASP B 64 3.07 16.34 8.88
C ASP B 64 3.78 15.09 9.40
N SER B 65 3.01 14.05 9.71
CA SER B 65 3.59 12.83 10.24
C SER B 65 4.39 12.14 9.14
N MET B 66 3.86 12.07 7.92
CA MET B 66 4.63 11.48 6.81
C MET B 66 5.92 12.24 6.59
N ALA B 67 5.83 13.57 6.57
CA ALA B 67 6.98 14.41 6.31
C ALA B 67 7.98 14.32 7.46
N TYR B 68 7.47 14.16 8.67
CA TYR B 68 8.36 14.00 9.79
C TYR B 68 9.36 12.86 9.54
N SER B 69 8.86 11.65 9.27
CA SER B 69 9.75 10.49 9.10
C SER B 69 10.58 10.53 7.80
N ILE B 70 10.02 11.15 6.78
CA ILE B 70 10.71 11.36 5.53
C ILE B 70 11.91 12.30 5.66
N ASN B 71 11.74 13.39 6.40
CA ASN B 71 12.75 14.44 6.44
C ASN B 71 13.78 14.28 7.58
N VAL B 72 13.57 13.38 8.51
CA VAL B 72 14.47 13.28 9.63
C VAL B 72 15.87 13.01 9.15
N GLY B 73 15.97 12.31 8.05
CA GLY B 73 17.25 12.10 7.43
C GLY B 73 17.46 10.67 6.99
N GLY B 74 18.65 10.38 6.52
CA GLY B 74 19.01 9.06 6.09
C GLY B 74 19.93 9.12 4.90
N LYS B 75 20.63 8.02 4.68
CA LYS B 75 21.56 7.88 3.58
C LYS B 75 20.89 7.92 2.20
N ARG B 76 19.59 7.65 2.14
CA ARG B 76 18.91 7.60 0.84
C ARG B 76 19.56 6.57 -0.06
N ILE B 77 20.02 5.45 0.48
CA ILE B 77 20.66 4.43 -0.35
C ILE B 77 19.77 3.92 -1.47
N ARG B 78 18.52 3.59 -1.18
CA ARG B 78 17.68 2.98 -2.22
C ARG B 78 17.40 3.89 -3.44
N PRO B 79 16.94 5.12 -3.20
CA PRO B 79 16.71 5.99 -4.36
C PRO B 79 18.02 6.26 -5.12
N ILE B 80 19.15 6.43 -4.42
CA ILE B 80 20.43 6.65 -5.10
C ILE B 80 20.85 5.44 -5.95
N LEU B 81 20.66 4.22 -5.42
CA LEU B 81 20.89 3.02 -6.21
C LEU B 81 20.08 3.02 -7.49
N MET B 82 18.82 3.42 -7.39
CA MET B 82 17.98 3.42 -8.57
C MET B 82 18.53 4.41 -9.55
N LEU B 83 18.88 5.60 -9.07
CA LEU B 83 19.36 6.66 -9.95
C LEU B 83 20.69 6.28 -10.62
N LEU B 84 21.58 5.65 -9.86
CA LEU B 84 22.89 5.29 -10.41
C LEU B 84 22.84 4.10 -11.33
N SER B 85 21.85 3.22 -11.15
CA SER B 85 21.68 2.11 -12.07
C SER B 85 21.13 2.60 -13.40
N TYR B 86 20.18 3.51 -13.34
CA TYR B 86 19.63 4.13 -14.52
C TYR B 86 20.77 4.88 -15.26
N TYR B 87 21.58 5.57 -14.48
CA TYR B 87 22.72 6.33 -15.00
C TYR B 87 23.72 5.48 -15.77
N ILE B 88 23.76 4.19 -15.51
CA ILE B 88 24.63 3.36 -16.33
C ILE B 88 24.30 3.58 -17.81
N TYR B 89 23.03 3.86 -18.09
CA TYR B 89 22.50 3.80 -19.46
C TYR B 89 22.12 5.16 -20.02
N LYS B 90 21.63 6.05 -19.17
CA LYS B 90 21.21 7.37 -19.63
C LYS B 90 21.52 8.38 -18.56
N SER B 91 21.84 9.59 -18.97
CA SER B 91 22.35 10.58 -18.03
CA SER B 91 22.36 10.59 -18.04
C SER B 91 21.28 11.55 -17.51
N ASP B 92 20.06 11.46 -18.04
CA ASP B 92 19.02 12.36 -17.53
C ASP B 92 18.27 11.72 -16.36
N TYR B 93 19.02 11.32 -15.35
CA TYR B 93 18.44 10.64 -14.19
C TYR B 93 17.32 11.44 -13.53
N LYS B 94 17.34 12.78 -13.66
CA LYS B 94 16.28 13.58 -13.06
C LYS B 94 14.87 13.13 -13.48
N LYS B 95 14.80 12.47 -14.62
CA LYS B 95 13.54 12.01 -15.19
C LYS B 95 12.88 10.96 -14.31
N ILE B 96 13.69 10.19 -13.60
CA ILE B 96 13.16 9.14 -12.72
C ILE B 96 13.24 9.48 -11.23
N LEU B 97 13.34 10.76 -10.90
CA LEU B 97 13.29 11.15 -9.49
C LEU B 97 11.98 10.75 -8.81
N THR B 98 10.88 10.77 -9.56
CA THR B 98 9.60 10.37 -8.98
C THR B 98 9.57 8.92 -8.45
N PRO B 99 9.90 7.94 -9.30
CA PRO B 99 9.99 6.55 -8.84
C PRO B 99 11.05 6.34 -7.75
N ALA B 100 12.11 7.14 -7.78
CA ALA B 100 13.16 7.04 -6.76
C ALA B 100 12.60 7.51 -5.42
N MET B 101 11.81 8.58 -5.44
CA MET B 101 11.12 9.05 -4.25
C MET B 101 10.16 7.97 -3.71
N ALA B 102 9.49 7.28 -4.62
CA ALA B 102 8.53 6.26 -4.22
C ALA B 102 9.22 5.15 -3.45
N ILE B 103 10.39 4.70 -3.91
CA ILE B 103 11.07 3.62 -3.17
C ILE B 103 11.54 4.07 -1.78
N GLU B 104 11.91 5.34 -1.66
CA GLU B 104 12.27 5.89 -0.36
C GLU B 104 11.04 6.02 0.56
N MET B 105 9.88 6.33 -0.02
CA MET B 105 8.62 6.33 0.77
C MET B 105 8.34 4.95 1.32
N ILE B 106 8.56 3.92 0.50
CA ILE B 106 8.38 2.56 0.99
C ILE B 106 9.38 2.19 2.10
N HIS B 107 10.66 2.51 1.89
CA HIS B 107 11.64 2.26 2.93
C HIS B 107 11.21 3.00 4.21
N THR B 108 10.77 4.24 4.07
CA THR B 108 10.45 5.05 5.24
C THR B 108 9.25 4.48 5.99
N TYR B 109 8.25 4.00 5.25
CA TYR B 109 7.05 3.48 5.90
C TYR B 109 7.42 2.24 6.72
N SER B 110 8.36 1.43 6.23
CA SER B 110 8.73 0.20 6.97
C SER B 110 9.37 0.54 8.32
N LEU B 111 10.12 1.64 8.34
CA LEU B 111 10.78 2.11 9.56
C LEU B 111 9.78 2.57 10.59
N ILE B 112 8.78 3.32 10.15
CA ILE B 112 7.72 3.77 11.07
C ILE B 112 7.03 2.59 11.74
N HIS B 113 6.71 1.55 10.96
CA HIS B 113 6.01 0.39 11.51
C HIS B 113 6.93 -0.48 12.39
N ASP B 114 8.17 -0.65 11.96
CA ASP B 114 9.17 -1.39 12.73
C ASP B 114 9.47 -0.76 14.08
N ASP B 115 9.39 0.57 14.13
CA ASP B 115 9.66 1.30 15.36
C ASP B 115 8.55 1.17 16.40
N LEU B 116 7.40 0.64 15.99
CA LEU B 116 6.24 0.66 16.88
C LEU B 116 6.45 -0.20 18.13
N PRO B 117 5.76 0.15 19.22
CA PRO B 117 5.97 -0.59 20.47
C PRO B 117 5.70 -2.09 20.30
N CYS B 118 4.77 -2.46 19.44
CA CYS B 118 4.49 -3.85 19.15
C CYS B 118 5.57 -4.56 18.36
N MET B 119 6.51 -3.80 17.81
CA MET B 119 7.63 -4.38 17.11
C MET B 119 8.95 -4.10 17.81
N ASP B 120 9.81 -3.32 17.19
CA ASP B 120 11.09 -2.96 17.78
C ASP B 120 10.96 -2.05 18.98
N ASN B 121 9.88 -1.31 19.06
CA ASN B 121 9.63 -0.45 20.21
C ASN B 121 10.81 0.54 20.44
N ASP B 122 11.13 1.33 19.43
CA ASP B 122 12.25 2.26 19.51
C ASP B 122 11.69 3.68 19.79
N ASP B 123 12.26 4.34 20.80
CA ASP B 123 11.90 5.73 21.09
C ASP B 123 12.68 6.72 20.24
N LEU B 124 13.87 6.31 19.80
CA LEU B 124 14.75 7.18 19.05
C LEU B 124 15.27 6.47 17.81
N ARG B 125 15.55 7.25 16.79
CA ARG B 125 16.23 6.76 15.61
C ARG B 125 17.18 7.87 15.23
N ARG B 126 18.49 7.59 15.25
CA ARG B 126 19.50 8.60 14.90
C ARG B 126 19.40 9.81 15.81
N GLY B 127 19.23 9.56 17.10
CA GLY B 127 19.11 10.63 18.10
C GLY B 127 17.75 11.32 18.17
N LYS B 128 16.87 11.08 17.21
CA LYS B 128 15.60 11.81 17.14
C LYS B 128 14.39 10.95 17.51
N PRO B 129 13.39 11.57 18.16
CA PRO B 129 12.23 10.81 18.55
C PRO B 129 11.63 10.10 17.33
N THR B 130 11.07 8.92 17.56
CA THR B 130 10.43 8.17 16.50
C THR B 130 9.02 8.74 16.27
N ASN B 131 8.43 8.41 15.14
CA ASN B 131 7.15 8.98 14.71
C ASN B 131 6.07 8.82 15.77
N HIS B 132 5.90 7.61 16.29
CA HIS B 132 4.89 7.39 17.31
C HIS B 132 5.12 8.15 18.63
N LYS B 133 6.38 8.42 18.99
CA LYS B 133 6.63 9.28 20.18
C LYS B 133 6.11 10.71 19.97
N VAL B 134 6.15 11.17 18.73
CA VAL B 134 5.76 12.53 18.42
C VAL B 134 4.24 12.67 18.17
N PHE B 135 3.68 11.76 17.37
CA PHE B 135 2.30 11.86 16.93
C PHE B 135 1.41 10.84 17.60
N GLY B 136 2.00 9.94 18.38
CA GLY B 136 1.23 8.84 18.95
C GLY B 136 1.15 7.64 17.99
N GLU B 137 0.82 6.48 18.54
CA GLU B 137 0.80 5.20 17.80
C GLU B 137 -0.21 5.17 16.66
N ALA B 138 -1.43 5.64 16.92
CA ALA B 138 -2.48 5.56 15.89
C ALA B 138 -2.02 6.33 14.67
N ILE B 139 -1.58 7.56 14.86
CA ILE B 139 -1.20 8.34 13.70
C ILE B 139 0.00 7.71 12.99
N ALA B 140 0.91 7.11 13.77
CA ALA B 140 2.11 6.52 13.19
C ALA B 140 1.74 5.34 12.28
N VAL B 141 0.83 4.49 12.76
CA VAL B 141 0.37 3.38 11.95
C VAL B 141 -0.19 3.90 10.64
N LEU B 142 -1.02 4.94 10.73
CA LEU B 142 -1.67 5.50 9.53
C LEU B 142 -0.71 6.22 8.58
N ALA B 143 0.29 6.88 9.15
CA ALA B 143 1.29 7.57 8.33
C ALA B 143 2.13 6.54 7.57
N GLY B 144 2.45 5.43 8.22
CA GLY B 144 3.10 4.32 7.51
C GLY B 144 2.24 3.79 6.37
N ASP B 145 0.97 3.50 6.68
CA ASP B 145 0.02 3.05 5.66
C ASP B 145 -0.02 4.04 4.51
N ALA B 146 -0.07 5.33 4.85
CA ALA B 146 -0.18 6.38 3.85
C ALA B 146 1.04 6.48 2.95
N LEU B 147 2.23 6.29 3.51
CA LEU B 147 3.47 6.35 2.73
C LEU B 147 3.56 5.17 1.77
N LEU B 148 3.13 3.99 2.20
CA LEU B 148 3.08 2.85 1.28
C LEU B 148 2.10 3.16 0.12
N ASN B 149 0.90 3.64 0.48
CA ASN B 149 -0.11 3.98 -0.49
C ASN B 149 0.38 5.12 -1.39
N GLU B 150 1.12 6.09 -0.83
CA GLU B 150 1.60 7.23 -1.62
C GLU B 150 2.63 6.77 -2.65
N ALA B 151 3.48 5.83 -2.25
CA ALA B 151 4.46 5.28 -3.19
C ALA B 151 3.73 4.65 -4.39
N MET B 152 2.69 3.87 -4.12
CA MET B 152 1.93 3.25 -5.21
C MET B 152 1.19 4.28 -6.05
N LYS B 153 0.53 5.26 -5.41
CA LYS B 153 -0.12 6.32 -6.17
C LYS B 153 0.85 6.99 -7.16
N ILE B 154 2.03 7.38 -6.68
CA ILE B 154 2.92 8.10 -7.58
C ILE B 154 3.52 7.20 -8.66
N LEU B 155 3.73 5.92 -8.35
CA LEU B 155 4.22 4.98 -9.37
C LEU B 155 3.15 4.67 -10.43
N VAL B 156 1.89 4.63 -10.00
CA VAL B 156 0.80 4.47 -10.96
C VAL B 156 0.68 5.71 -11.85
N ASP B 157 0.66 6.90 -11.24
CA ASP B 157 0.62 8.15 -12.02
C ASP B 157 1.80 8.27 -12.98
N TYR B 158 2.96 7.82 -12.52
CA TYR B 158 4.17 7.92 -13.32
C TYR B 158 4.09 6.95 -14.49
N SER B 159 3.56 5.76 -14.24
CA SER B 159 3.33 4.77 -15.29
C SER B 159 2.27 5.18 -16.31
N LEU B 160 1.26 5.93 -15.88
CA LEU B 160 0.26 6.43 -16.82
C LEU B 160 0.87 7.41 -17.80
N GLU B 161 1.88 8.16 -17.34
CA GLU B 161 2.55 9.14 -18.17
C GLU B 161 3.68 8.55 -19.00
N GLU B 162 4.30 7.46 -18.54
CA GLU B 162 5.56 7.00 -19.12
C GLU B 162 5.47 5.68 -19.85
N GLY B 163 4.39 4.94 -19.63
CA GLY B 163 4.19 3.72 -20.38
C GLY B 163 4.75 2.46 -19.76
N LYS B 164 4.93 1.46 -20.61
CA LYS B 164 5.14 0.07 -20.21
C LYS B 164 6.37 -0.20 -19.33
N SER B 165 7.48 0.43 -19.64
CA SER B 165 8.68 0.13 -18.88
C SER B 165 8.53 0.69 -17.45
N ALA B 166 7.86 1.82 -17.33
CA ALA B 166 7.60 2.42 -16.04
C ALA B 166 6.73 1.49 -15.22
N LEU B 167 5.79 0.80 -15.88
CA LEU B 167 4.88 -0.09 -15.16
C LEU B 167 5.57 -1.41 -14.80
N LYS B 168 6.47 -1.87 -15.65
CA LYS B 168 7.28 -3.04 -15.30
C LYS B 168 8.20 -2.76 -14.09
N ALA B 169 8.73 -1.54 -14.03
CA ALA B 169 9.54 -1.14 -12.89
C ALA B 169 8.69 -1.10 -11.62
N THR B 170 7.48 -0.56 -11.74
CA THR B 170 6.51 -0.54 -10.63
C THR B 170 6.23 -1.92 -10.09
N LYS B 171 6.03 -2.90 -10.96
CA LYS B 171 5.81 -4.28 -10.47
C LYS B 171 7.03 -4.79 -9.68
N ILE B 172 8.22 -4.46 -10.16
CA ILE B 172 9.42 -4.90 -9.48
C ILE B 172 9.42 -4.34 -8.03
N ILE B 173 9.11 -3.07 -7.90
CA ILE B 173 9.06 -2.41 -6.59
C ILE B 173 7.93 -2.94 -5.71
N ALA B 174 6.72 -2.99 -6.27
CA ALA B 174 5.56 -3.57 -5.55
C ALA B 174 5.86 -4.96 -5.01
N ASP B 175 6.36 -5.85 -5.87
CA ASP B 175 6.63 -7.21 -5.44
C ASP B 175 7.73 -7.27 -4.36
N ALA B 176 8.78 -6.46 -4.51
CA ALA B 176 9.87 -6.50 -3.51
C ALA B 176 9.42 -5.96 -2.15
N ALA B 177 8.43 -5.08 -2.15
CA ALA B 177 7.98 -4.46 -0.91
C ALA B 177 7.05 -5.38 -0.14
N GLY B 178 6.46 -6.37 -0.81
CA GLY B 178 5.28 -7.04 -0.27
C GLY B 178 5.47 -8.35 0.45
N SER B 179 4.39 -9.15 0.50
CA SER B 179 4.32 -10.35 1.33
C SER B 179 5.50 -11.32 1.10
N ASP B 180 5.94 -11.45 -0.14
CA ASP B 180 7.02 -12.35 -0.45
C ASP B 180 8.34 -11.59 -0.56
N GLY B 181 8.32 -10.33 -0.13
CA GLY B 181 9.52 -9.50 -0.10
C GLY B 181 9.73 -9.00 1.30
N MET B 182 9.91 -7.68 1.42
CA MET B 182 10.22 -7.01 2.69
C MET B 182 9.31 -7.43 3.86
N ILE B 183 7.99 -7.42 3.66
CA ILE B 183 7.10 -7.82 4.75
C ILE B 183 7.32 -9.28 5.14
N GLY B 184 7.45 -10.16 4.15
CA GLY B 184 7.79 -11.57 4.40
C GLY B 184 9.00 -11.67 5.32
N GLY B 185 10.00 -10.84 5.04
CA GLY B 185 11.20 -10.75 5.88
C GLY B 185 10.90 -10.32 7.30
N GLN B 186 10.17 -9.22 7.47
CA GLN B 186 9.85 -8.73 8.81
CA GLN B 186 9.81 -8.71 8.79
C GLN B 186 9.08 -9.80 9.60
N ILE B 187 8.17 -10.50 8.94
CA ILE B 187 7.39 -11.55 9.59
C ILE B 187 8.27 -12.65 10.17
N VAL B 188 9.15 -13.20 9.35
CA VAL B 188 10.06 -14.25 9.78
C VAL B 188 10.88 -13.77 10.96
N ASP B 189 11.31 -12.52 10.91
CA ASP B 189 12.09 -11.93 11.99
C ASP B 189 11.32 -11.87 13.32
N ILE B 190 10.01 -11.66 13.27
CA ILE B 190 9.17 -11.61 14.45
C ILE B 190 8.87 -12.99 15.03
N ILE B 191 8.58 -13.94 14.16
CA ILE B 191 8.25 -15.29 14.57
C ILE B 191 9.43 -15.93 15.26
N ASN B 192 10.62 -15.65 14.76
CA ASN B 192 11.82 -16.24 15.28
C ASN B 192 12.40 -15.53 16.47
N GLU B 193 11.81 -14.44 16.91
CA GLU B 193 12.28 -13.85 18.13
C GLU B 193 12.01 -14.83 19.22
N ASP B 194 10.82 -15.44 19.18
CA ASP B 194 10.42 -16.42 20.19
C ASP B 194 11.64 -16.99 20.91
N SER B 199 17.23 -22.59 11.38
CA SER B 199 18.04 -23.12 10.30
C SER B 199 18.63 -22.00 9.43
N LEU B 200 19.80 -22.27 8.85
CA LEU B 200 20.48 -21.28 8.00
C LEU B 200 19.65 -20.93 6.76
N LYS B 201 18.87 -21.90 6.29
CA LYS B 201 17.98 -21.67 5.16
C LYS B 201 16.91 -20.62 5.52
N GLU B 202 16.36 -20.74 6.73
CA GLU B 202 15.37 -19.78 7.19
C GLU B 202 16.01 -18.43 7.50
N LEU B 203 17.17 -18.45 8.16
CA LEU B 203 17.90 -17.22 8.40
C LEU B 203 18.24 -16.55 7.06
N ASP B 204 18.69 -17.34 6.09
CA ASP B 204 18.96 -16.82 4.75
C ASP B 204 17.74 -16.11 4.15
N TYR B 205 16.60 -16.78 4.20
CA TYR B 205 15.37 -16.24 3.64
C TYR B 205 14.98 -14.92 4.33
N MET B 206 15.10 -14.86 5.64
CA MET B 206 14.74 -13.66 6.37
C MET B 206 15.51 -12.44 5.88
N HIS B 207 16.85 -12.53 5.90
CA HIS B 207 17.70 -11.40 5.55
C HIS B 207 17.55 -11.01 4.08
N LEU B 208 17.37 -12.00 3.22
CA LEU B 208 17.12 -11.74 1.80
C LEU B 208 15.79 -10.98 1.58
N LYS B 209 14.74 -11.41 2.29
CA LYS B 209 13.42 -10.77 2.12
C LYS B 209 13.38 -9.37 2.75
N LYS B 210 13.80 -9.28 3.99
CA LYS B 210 13.74 -8.07 4.78
C LYS B 210 14.45 -6.92 4.16
N THR B 211 15.62 -7.21 3.66
CA THR B 211 16.60 -6.18 3.29
C THR B 211 17.07 -6.32 1.85
N GLY B 212 17.49 -7.53 1.50
CA GLY B 212 17.93 -7.81 0.13
C GLY B 212 16.98 -7.35 -0.96
N GLU B 213 15.70 -7.71 -0.82
CA GLU B 213 14.75 -7.53 -1.93
C GLU B 213 14.66 -6.09 -2.41
N LEU B 214 14.52 -5.14 -1.47
CA LEU B 214 14.35 -3.73 -1.84
C LEU B 214 15.67 -3.08 -2.34
N ILE B 215 16.81 -3.53 -1.83
CA ILE B 215 18.11 -3.11 -2.39
C ILE B 215 18.18 -3.58 -3.86
N LYS B 216 17.96 -4.87 -4.06
CA LYS B 216 17.92 -5.41 -5.42
C LYS B 216 16.87 -4.70 -6.31
N ALA B 217 15.66 -4.51 -5.80
CA ALA B 217 14.63 -3.84 -6.58
C ALA B 217 14.99 -2.41 -6.99
N SER B 218 15.70 -1.69 -6.13
CA SER B 218 16.17 -0.34 -6.45
C SER B 218 17.01 -0.36 -7.72
N ILE B 219 17.97 -1.28 -7.75
CA ILE B 219 18.90 -1.42 -8.87
C ILE B 219 18.16 -1.87 -10.14
N MET B 220 17.37 -2.92 -10.02
CA MET B 220 16.67 -3.48 -11.17
CA MET B 220 16.67 -3.48 -11.17
C MET B 220 15.65 -2.52 -11.76
N SER B 221 14.92 -1.82 -10.90
CA SER B 221 13.93 -0.88 -11.40
C SER B 221 14.63 0.29 -12.13
N GLY B 222 15.78 0.72 -11.63
CA GLY B 222 16.53 1.77 -12.34
C GLY B 222 16.96 1.32 -13.74
N ALA B 223 17.47 0.10 -13.85
CA ALA B 223 17.82 -0.45 -15.16
C ALA B 223 16.58 -0.66 -16.08
N VAL B 224 15.47 -1.12 -15.50
CA VAL B 224 14.26 -1.31 -16.31
C VAL B 224 13.77 0.03 -16.81
N LEU B 225 13.74 1.03 -15.94
CA LEU B 225 13.34 2.37 -16.35
C LEU B 225 14.21 2.90 -17.48
N ALA B 226 15.48 2.48 -17.50
CA ALA B 226 16.38 2.95 -18.56
C ALA B 226 16.35 2.05 -19.79
N GLU B 227 15.51 1.01 -19.75
CA GLU B 227 15.35 0.08 -20.86
C GLU B 227 16.65 -0.66 -21.21
N ALA B 228 17.34 -1.11 -20.17
CA ALA B 228 18.52 -1.93 -20.37
C ALA B 228 18.14 -3.21 -21.08
N SER B 229 19.10 -3.76 -21.84
CA SER B 229 18.90 -5.03 -22.53
C SER B 229 18.62 -6.13 -21.53
N GLU B 230 18.21 -7.29 -22.01
CA GLU B 230 17.85 -8.39 -21.13
C GLU B 230 19.09 -9.01 -20.48
N GLY B 231 20.21 -8.97 -21.20
CA GLY B 231 21.47 -9.49 -20.68
C GLY B 231 21.94 -8.66 -19.51
N ASP B 232 21.94 -7.34 -19.71
CA ASP B 232 22.27 -6.41 -18.65
C ASP B 232 21.39 -6.61 -17.41
N ILE B 233 20.08 -6.79 -17.62
CA ILE B 233 19.17 -7.03 -16.48
C ILE B 233 19.59 -8.25 -15.69
N LYS B 234 19.97 -9.31 -16.39
CA LYS B 234 20.39 -10.54 -15.72
C LYS B 234 21.61 -10.25 -14.83
N LYS B 235 22.57 -9.54 -15.40
CA LYS B 235 23.79 -9.22 -14.68
C LYS B 235 23.54 -8.40 -13.43
N LEU B 236 22.68 -7.40 -13.55
CA LEU B 236 22.38 -6.51 -12.43
C LEU B 236 21.57 -7.18 -11.34
N GLU B 237 20.82 -8.22 -11.71
CA GLU B 237 20.07 -8.94 -10.71
C GLU B 237 21.03 -9.60 -9.73
N GLY B 238 22.10 -10.17 -10.28
CA GLY B 238 23.11 -10.82 -9.45
C GLY B 238 23.89 -9.79 -8.63
N PHE B 239 24.22 -8.67 -9.26
CA PHE B 239 24.85 -7.56 -8.54
C PHE B 239 23.93 -7.14 -7.39
N GLY B 240 22.65 -6.98 -7.70
CA GLY B 240 21.68 -6.52 -6.71
C GLY B 240 21.55 -7.49 -5.56
N TYR B 241 21.53 -8.77 -5.87
CA TYR B 241 21.50 -9.78 -4.82
C TYR B 241 22.75 -9.75 -3.97
N LYS B 242 23.92 -9.71 -4.60
CA LYS B 242 25.16 -9.70 -3.83
C LYS B 242 25.29 -8.43 -2.98
N LEU B 243 24.98 -7.27 -3.57
CA LEU B 243 25.08 -6.02 -2.82
C LEU B 243 24.18 -6.03 -1.57
N GLY B 244 22.98 -6.55 -1.72
CA GLY B 244 22.05 -6.61 -0.62
C GLY B 244 22.49 -7.55 0.48
N LEU B 245 23.13 -8.65 0.10
CA LEU B 245 23.72 -9.58 1.06
C LEU B 245 24.83 -8.90 1.87
N ALA B 246 25.75 -8.23 1.17
CA ALA B 246 26.85 -7.52 1.84
C ALA B 246 26.36 -6.36 2.73
N PHE B 247 25.30 -5.70 2.30
CA PHE B 247 24.64 -4.66 3.07
C PHE B 247 24.16 -5.26 4.40
N GLN B 248 23.38 -6.33 4.32
CA GLN B 248 22.85 -6.94 5.53
C GLN B 248 23.95 -7.44 6.46
N ILE B 249 25.00 -8.06 5.89
CA ILE B 249 26.07 -8.52 6.76
C ILE B 249 26.72 -7.31 7.43
N LYS B 250 26.89 -6.24 6.65
CA LYS B 250 27.46 -5.01 7.19
C LYS B 250 26.63 -4.44 8.34
N ASP B 251 25.32 -4.34 8.16
CA ASP B 251 24.43 -3.93 9.24
C ASP B 251 24.74 -4.75 10.52
N ASP B 252 24.80 -6.07 10.37
CA ASP B 252 25.06 -6.98 11.49
C ASP B 252 26.37 -6.71 12.20
N ILE B 253 27.44 -6.50 11.41
CA ILE B 253 28.71 -6.06 11.94
C ILE B 253 28.60 -4.74 12.69
N LEU B 254 27.82 -3.81 12.17
CA LEU B 254 27.70 -2.53 12.82
C LEU B 254 27.06 -2.60 14.20
N ASP B 255 26.18 -3.55 14.41
CA ASP B 255 25.51 -3.69 15.69
C ASP B 255 26.45 -4.00 16.84
N VAL B 256 27.53 -4.71 16.52
CA VAL B 256 28.53 -5.07 17.52
C VAL B 256 29.15 -3.83 18.16
N VAL B 257 29.41 -2.81 17.35
CA VAL B 257 29.99 -1.57 17.82
C VAL B 257 28.94 -0.47 17.94
N ASN B 276 19.37 -15.34 15.07
CA ASN B 276 19.99 -14.03 15.22
C ASN B 276 20.85 -13.58 14.02
N ASN B 277 21.95 -12.90 14.30
CA ASN B 277 22.82 -12.26 13.30
C ASN B 277 23.62 -13.18 12.40
N TYR B 278 24.07 -12.64 11.26
CA TYR B 278 25.15 -13.27 10.51
C TYR B 278 26.34 -13.39 11.45
N ILE B 279 26.44 -12.46 12.39
CA ILE B 279 27.53 -12.43 13.35
C ILE B 279 27.42 -13.61 14.31
N THR B 280 26.20 -13.88 14.77
CA THR B 280 25.94 -15.04 15.63
C THR B 280 26.27 -16.35 14.94
N ILE B 281 25.91 -16.47 13.66
CA ILE B 281 26.15 -17.70 12.93
C ILE B 281 27.61 -17.90 12.52
N PHE B 282 28.25 -16.86 12.00
CA PHE B 282 29.58 -17.02 11.41
C PHE B 282 30.72 -16.45 12.23
N GLY B 283 30.43 -15.45 13.06
CA GLY B 283 31.47 -14.81 13.87
C GLY B 283 31.92 -13.51 13.24
N LEU B 284 32.40 -12.57 14.06
CA LEU B 284 32.78 -11.25 13.57
C LEU B 284 33.80 -11.32 12.42
N GLU B 285 34.87 -12.08 12.62
CA GLU B 285 35.98 -12.07 11.67
C GLU B 285 35.55 -12.62 10.31
N GLU B 286 34.76 -13.69 10.33
CA GLU B 286 34.22 -14.26 9.10
C GLU B 286 33.30 -13.29 8.37
N CYS B 287 32.46 -12.59 9.12
CA CYS B 287 31.52 -11.65 8.51
C CYS B 287 32.26 -10.51 7.83
N LYS B 288 33.28 -9.96 8.48
CA LYS B 288 34.13 -8.95 7.86
C LYS B 288 34.71 -9.45 6.55
N LYS B 289 35.16 -10.70 6.54
CA LYS B 289 35.75 -11.28 5.35
C LYS B 289 34.71 -11.45 4.23
N LYS B 290 33.51 -11.92 4.59
CA LYS B 290 32.44 -12.09 3.61
C LYS B 290 32.07 -10.74 2.99
N CYS B 291 31.96 -9.72 3.83
CA CYS B 291 31.59 -8.39 3.36
C CYS B 291 32.57 -7.90 2.29
N VAL B 292 33.86 -8.03 2.59
CA VAL B 292 34.91 -7.60 1.67
C VAL B 292 34.87 -8.38 0.36
N ASN B 293 34.71 -9.69 0.43
CA ASN B 293 34.71 -10.54 -0.77
C ASN B 293 33.46 -10.44 -1.65
N ILE B 294 32.32 -10.18 -1.04
CA ILE B 294 31.12 -10.03 -1.83
C ILE B 294 31.16 -8.68 -2.54
N THR B 295 31.67 -7.68 -1.83
CA THR B 295 31.83 -6.34 -2.41
C THR B 295 32.70 -6.42 -3.66
N GLU B 296 33.79 -7.19 -3.60
CA GLU B 296 34.72 -7.37 -4.74
C GLU B 296 34.02 -8.00 -5.93
N GLU B 297 33.23 -9.03 -5.65
CA GLU B 297 32.45 -9.65 -6.70
C GLU B 297 31.50 -8.63 -7.34
N CYS B 298 30.84 -7.82 -6.52
CA CYS B 298 29.96 -6.77 -7.08
C CYS B 298 30.72 -5.87 -8.07
N ILE B 299 31.91 -5.44 -7.67
CA ILE B 299 32.74 -4.58 -8.54
C ILE B 299 33.00 -5.26 -9.88
N GLU B 300 33.30 -6.56 -9.81
CA GLU B 300 33.59 -7.35 -11.00
C GLU B 300 32.37 -7.48 -11.91
N ILE B 301 31.19 -7.69 -11.34
CA ILE B 301 29.99 -7.67 -12.16
C ILE B 301 29.84 -6.33 -12.86
N LEU B 302 29.94 -5.22 -12.13
CA LEU B 302 29.81 -3.93 -12.76
C LEU B 302 30.82 -3.73 -13.89
N SER B 303 32.07 -4.14 -13.67
CA SER B 303 33.07 -3.99 -14.72
C SER B 303 32.69 -4.75 -16.02
N SER B 304 31.90 -5.80 -15.89
CA SER B 304 31.49 -6.60 -17.05
C SER B 304 30.30 -5.98 -17.80
N ILE B 305 29.79 -4.86 -17.33
CA ILE B 305 28.70 -4.17 -18.00
C ILE B 305 29.21 -2.99 -18.80
N LYS B 306 28.72 -2.85 -20.03
CA LYS B 306 29.09 -1.71 -20.85
C LYS B 306 28.21 -0.52 -20.50
N GLY B 307 28.83 0.56 -20.05
CA GLY B 307 28.09 1.76 -19.72
C GLY B 307 28.80 2.51 -18.62
N ASN B 308 28.15 3.56 -18.11
CA ASN B 308 28.76 4.38 -17.08
C ASN B 308 28.58 3.77 -15.69
N THR B 309 29.45 2.84 -15.32
CA THR B 309 29.27 2.12 -14.07
C THR B 309 30.11 2.71 -12.95
N GLU B 310 30.96 3.70 -13.26
CA GLU B 310 31.86 4.22 -12.23
C GLU B 310 31.14 4.72 -10.96
N PRO B 311 30.07 5.52 -11.10
CA PRO B 311 29.40 6.03 -9.90
C PRO B 311 28.84 4.92 -9.03
N LEU B 312 28.26 3.91 -9.66
CA LEU B 312 27.75 2.76 -8.93
C LEU B 312 28.86 1.98 -8.21
N LYS B 313 30.04 1.90 -8.82
CA LYS B 313 31.19 1.25 -8.18
C LYS B 313 31.61 2.06 -6.95
N VAL B 314 31.62 3.39 -7.06
CA VAL B 314 32.00 4.22 -5.93
C VAL B 314 31.02 4.02 -4.75
N LEU B 315 29.71 4.07 -5.04
CA LEU B 315 28.68 3.74 -4.02
C LEU B 315 28.91 2.38 -3.39
N THR B 316 29.17 1.38 -4.21
CA THR B 316 29.38 0.01 -3.74
C THR B 316 30.50 -0.06 -2.72
N MET B 317 31.61 0.65 -3.00
CA MET B 317 32.74 0.73 -2.05
C MET B 317 32.42 1.53 -0.79
N LYS B 318 31.72 2.64 -0.96
CA LYS B 318 31.30 3.47 0.17
C LYS B 318 30.36 2.69 1.09
N LEU B 319 29.54 1.81 0.50
CA LEU B 319 28.65 0.98 1.30
C LEU B 319 29.44 0.05 2.19
N LEU B 320 30.56 -0.46 1.68
CA LEU B 320 31.42 -1.35 2.46
C LEU B 320 32.08 -0.58 3.62
N GLU B 321 32.37 0.69 3.41
CA GLU B 321 33.15 1.49 4.37
C GLU B 321 32.29 2.28 5.36
N ARG B 322 30.97 2.22 5.20
CA ARG B 322 30.09 3.08 5.98
C ARG B 322 30.07 2.72 7.46
N LYS B 323 29.76 3.70 8.30
CA LYS B 323 29.86 3.54 9.74
C LYS B 323 28.50 3.45 10.43
N PHE B 324 27.45 3.47 9.63
CA PHE B 324 26.10 3.22 10.14
C PHE B 324 25.13 3.06 8.98
#